data_5CWA
#
_entry.id   5CWA
#
_cell.length_a   156.406
_cell.length_b   156.406
_cell.length_c   128.384
_cell.angle_alpha   90.00
_cell.angle_beta   90.00
_cell.angle_gamma   120.00
#
_symmetry.space_group_name_H-M   'P 64 2 2'
#
loop_
_entity.id
_entity.type
_entity.pdbx_description
1 polymer 'Anthranilate synthase component 1'
2 non-polymer 'SULFATE ION'
3 non-polymer GLYCEROL
4 non-polymer '3-{[(1Z)-1-carboxyprop-1-en-1-yl]oxy}-2-hydroxybenzoic acid'
5 non-polymer 'UNKNOWN LIGAND'
6 water water
#
_entity_poly.entity_id   1
_entity_poly.type   'polypeptide(L)'
_entity_poly.pdbx_seq_one_letter_code
;GAMDADLAATTSREDFRLLAAEHRVVPVTRKVLADSETPLSAYRKLAANRPGTFLLESAENGRSWSRWSFIGAGAPTALT
VREGQAVWLGAVPKDAPTGGDPLRALQVTLELLATADRQSEPGLPPLSGGMVGFFAYDMVRRLERLPERAVDDLCLPDML
LLLATDVAAVDHHEGTITLIANAVNWNGTDERVDWAYDDAVARLDVMTAALGQPLPSTVATFSRPEPRHRAQRTVEEYGA
IVEYLVDQIAAGEAFQVVPSQRFEMDTDVDPIDVYRILRVTNPSPYMYLLQVPNSDGAVDFSIVGSSPEALVTVHEGWAT
THPIAGTRWRGRTDDEDVLLEKELLADDKERAEHLMLVDLGRNDLGRVCTPGTVRVEDYSHIERYSHVMHLVSTVTGKLG
EGRTALDAVTACFPAGTLSGAPKVRAMELIEEVEKTRRGLYGGVVGYLDFAGNADFAIAIRTALMRNGTAYVQAGGGVVA
DSNGSYEYNEARNKARAVLNAIAAAETLAAPGA
;
_entity_poly.pdbx_strand_id   A
#
loop_
_chem_comp.id
_chem_comp.type
_chem_comp.name
_chem_comp.formula
0GA non-polymer '3-{[(1Z)-1-carboxyprop-1-en-1-yl]oxy}-2-hydroxybenzoic acid' 'C11 H10 O6'
GOL non-polymer GLYCEROL 'C3 H8 O3'
SO4 non-polymer 'SULFATE ION' 'O4 S -2'
UNL non-polymer 'UNKNOWN LIGAND' ?
#
# COMPACT_ATOMS: atom_id res chain seq x y z
N ALA A 5 37.53 9.80 -5.99
CA ALA A 5 36.09 10.05 -5.73
C ALA A 5 35.61 9.33 -4.48
N ASP A 6 35.00 10.08 -3.59
CA ASP A 6 34.48 9.58 -2.34
C ASP A 6 33.07 8.95 -2.51
N LEU A 7 32.79 7.87 -1.77
CA LEU A 7 31.50 7.12 -1.85
C LEU A 7 30.34 8.06 -1.58
N ALA A 8 30.47 8.85 -0.52
CA ALA A 8 29.42 9.74 -0.06
C ALA A 8 29.43 11.09 -0.78
N ALA A 9 30.04 11.16 -1.95
CA ALA A 9 30.04 12.41 -2.69
C ALA A 9 28.61 12.89 -2.93
N THR A 10 28.32 14.09 -2.44
CA THR A 10 27.03 14.71 -2.62
C THR A 10 26.91 15.31 -4.01
N THR A 11 25.71 15.37 -4.58
CA THR A 11 25.52 16.06 -5.87
C THR A 11 26.14 17.49 -5.85
N SER A 12 26.80 17.91 -6.94
CA SER A 12 27.47 19.24 -6.98
C SER A 12 26.46 20.33 -7.20
N ARG A 13 26.78 21.52 -6.70
CA ARG A 13 25.95 22.69 -6.93
C ARG A 13 25.85 22.91 -8.44
N GLU A 14 26.99 22.82 -9.10
CA GLU A 14 27.01 22.97 -10.56
C GLU A 14 25.97 22.09 -11.27
N ASP A 15 25.91 20.81 -10.87
CA ASP A 15 24.95 19.86 -11.47
C ASP A 15 23.50 20.17 -11.09
N PHE A 16 23.29 20.51 -9.82
CA PHE A 16 21.97 20.93 -9.35
C PHE A 16 21.41 22.11 -10.16
N ARG A 17 22.26 23.09 -10.42
CA ARG A 17 21.85 24.26 -11.21
C ARG A 17 21.28 23.83 -12.53
N LEU A 18 22.02 22.98 -13.25
CA LEU A 18 21.59 22.51 -14.58
C LEU A 18 20.25 21.80 -14.50
N LEU A 19 20.11 20.95 -13.48
CA LEU A 19 18.89 20.20 -13.28
C LEU A 19 17.72 21.10 -12.92
N ALA A 20 18.00 22.11 -12.12
CA ALA A 20 16.97 23.05 -11.68
C ALA A 20 16.37 23.83 -12.85
N ALA A 21 17.16 24.08 -13.88
CA ALA A 21 16.72 24.73 -15.10
C ALA A 21 15.69 23.87 -15.86
N GLU A 22 15.81 22.56 -15.71
CA GLU A 22 15.05 21.60 -16.50
C GLU A 22 13.77 21.10 -15.84
N HIS A 23 13.69 21.10 -14.52
CA HIS A 23 12.56 20.49 -13.83
C HIS A 23 12.37 21.11 -12.50
N ARG A 24 11.15 21.01 -12.00
CA ARG A 24 10.80 21.68 -10.79
C ARG A 24 11.19 20.89 -9.56
N VAL A 25 11.59 19.62 -9.75
CA VAL A 25 12.12 18.81 -8.65
C VAL A 25 13.52 18.30 -8.99
N VAL A 26 14.45 18.55 -8.09
CA VAL A 26 15.82 18.13 -8.31
C VAL A 26 16.27 17.37 -7.08
N PRO A 27 16.55 16.07 -7.25
CA PRO A 27 17.00 15.28 -6.12
C PRO A 27 18.47 15.54 -5.88
N VAL A 28 18.82 15.72 -4.63
CA VAL A 28 20.21 15.88 -4.25
C VAL A 28 20.51 14.67 -3.40
N THR A 29 21.52 13.93 -3.79
CA THR A 29 21.74 12.60 -3.21
C THR A 29 23.14 12.41 -2.66
N ARG A 30 23.21 11.48 -1.72
CA ARG A 30 24.44 11.10 -1.09
C ARG A 30 24.36 9.62 -0.70
N LYS A 31 25.29 8.82 -1.17
CA LYS A 31 25.28 7.40 -0.84
C LYS A 31 26.26 7.11 0.25
N VAL A 32 25.80 6.41 1.27
CA VAL A 32 26.65 5.92 2.33
C VAL A 32 26.64 4.39 2.53
N LEU A 33 27.72 3.91 3.14
CA LEU A 33 27.83 2.50 3.51
C LEU A 33 27.14 2.34 4.83
N ALA A 34 26.27 1.35 4.95
CA ALA A 34 25.50 1.17 6.14
C ALA A 34 25.29 -0.31 6.38
N ASP A 35 26.40 -1.01 6.51
CA ASP A 35 26.37 -2.46 6.58
C ASP A 35 26.02 -2.97 7.94
N SER A 36 25.92 -2.08 8.92
CA SER A 36 25.40 -2.50 10.21
C SER A 36 23.97 -2.04 10.50
N GLU A 37 23.26 -1.58 9.47
CA GLU A 37 21.84 -1.18 9.58
C GLU A 37 20.93 -2.10 8.81
N THR A 38 19.75 -2.35 9.37
CA THR A 38 18.65 -2.93 8.65
C THR A 38 17.66 -1.82 8.29
N PRO A 39 16.68 -2.13 7.41
CA PRO A 39 15.65 -1.12 7.18
C PRO A 39 15.02 -0.61 8.48
N LEU A 40 14.74 -1.49 9.41
CA LEU A 40 14.10 -1.07 10.64
C LEU A 40 15.01 -0.17 11.49
N SER A 41 16.27 -0.56 11.62
CA SER A 41 17.18 0.20 12.45
C SER A 41 17.35 1.54 11.79
N ALA A 42 17.44 1.56 10.47
CA ALA A 42 17.59 2.87 9.78
C ALA A 42 16.37 3.73 9.98
N TYR A 43 15.20 3.10 10.03
CA TYR A 43 13.97 3.84 10.20
C TYR A 43 14.01 4.49 11.59
N ARG A 44 14.31 3.67 12.58
CA ARG A 44 14.43 4.13 13.95
C ARG A 44 15.32 5.36 14.02
N LYS A 45 16.45 5.32 13.36
CA LYS A 45 17.38 6.43 13.36
C LYS A 45 16.88 7.61 12.59
N LEU A 46 16.36 7.37 11.39
CA LEU A 46 16.05 8.48 10.50
C LEU A 46 14.65 9.08 10.74
N ALA A 47 13.73 8.29 11.25
CA ALA A 47 12.33 8.71 11.34
C ALA A 47 11.83 8.73 12.76
N ALA A 48 12.25 7.75 13.53
CA ALA A 48 11.96 7.67 14.93
C ALA A 48 10.46 7.73 15.20
N ASN A 49 9.68 7.05 14.39
CA ASN A 49 8.23 6.97 14.60
C ASN A 49 7.48 8.29 14.53
N ARG A 50 8.08 9.25 13.89
CA ARG A 50 7.52 10.57 13.82
C ARG A 50 6.36 10.66 12.83
N PRO A 51 5.45 11.60 13.07
CA PRO A 51 4.37 11.82 12.12
C PRO A 51 4.92 12.11 10.75
N GLY A 52 4.28 11.57 9.72
CA GLY A 52 4.71 11.80 8.34
C GLY A 52 5.91 10.99 7.91
N THR A 53 6.19 9.91 8.63
CA THR A 53 7.30 9.05 8.26
C THR A 53 6.74 7.73 7.82
N PHE A 54 7.54 6.99 7.06
CA PHE A 54 7.12 5.65 6.70
C PHE A 54 8.28 4.72 6.40
N LEU A 55 7.97 3.43 6.41
CA LEU A 55 8.87 2.41 5.92
C LEU A 55 8.11 1.48 4.97
N LEU A 56 8.71 1.19 3.83
CA LEU A 56 8.16 0.25 2.84
C LEU A 56 9.19 -0.86 2.58
N GLU A 57 8.78 -2.11 2.75
CA GLU A 57 9.69 -3.22 2.45
C GLU A 57 8.94 -4.22 1.58
N SER A 58 9.69 -5.13 0.94
CA SER A 58 9.10 -6.12 0.04
C SER A 58 9.74 -7.50 0.07
N ALA A 59 8.94 -8.52 0.35
CA ALA A 59 9.40 -9.94 0.29
C ALA A 59 8.59 -10.68 -0.75
N GLU A 60 9.17 -10.91 -1.92
CA GLU A 60 8.40 -11.54 -2.99
C GLU A 60 7.94 -12.94 -2.60
N ASN A 61 6.63 -13.20 -2.70
CA ASN A 61 6.03 -14.50 -2.34
C ASN A 61 6.19 -14.83 -0.83
N GLY A 62 6.44 -13.81 -0.01
CA GLY A 62 6.86 -14.03 1.38
C GLY A 62 8.12 -14.86 1.57
N ARG A 63 9.04 -14.80 0.60
N ARG A 63 9.03 -14.82 0.59
CA ARG A 63 10.27 -15.60 0.61
CA ARG A 63 10.28 -15.61 0.63
C ARG A 63 11.37 -14.85 -0.15
C ARG A 63 11.36 -14.87 -0.15
N SER A 64 12.40 -14.43 0.56
CA SER A 64 13.46 -13.59 -0.01
C SER A 64 12.98 -12.13 -0.05
N TRP A 65 13.62 -11.30 0.76
CA TRP A 65 13.43 -9.85 0.72
C TRP A 65 14.04 -9.31 -0.56
N SER A 66 13.37 -8.39 -1.22
CA SER A 66 13.93 -7.78 -2.43
C SER A 66 15.05 -6.80 -2.06
N ARG A 67 15.66 -6.22 -3.05
CA ARG A 67 16.84 -5.38 -2.90
C ARG A 67 16.59 -4.13 -2.04
N TRP A 68 15.51 -3.41 -2.36
CA TRP A 68 15.25 -2.08 -1.83
C TRP A 68 14.21 -2.08 -0.75
N SER A 69 14.45 -1.25 0.26
CA SER A 69 13.40 -0.71 1.15
C SER A 69 13.52 0.81 1.12
N PHE A 70 12.44 1.50 1.46
CA PHE A 70 12.38 2.95 1.37
C PHE A 70 11.85 3.47 2.66
N ILE A 71 12.55 4.47 3.19
CA ILE A 71 12.17 5.13 4.44
C ILE A 71 11.85 6.58 4.13
N GLY A 72 10.71 7.04 4.66
CA GLY A 72 10.39 8.47 4.61
C GLY A 72 10.81 9.13 5.92
N ALA A 73 11.72 10.07 5.83
CA ALA A 73 12.31 10.71 7.03
C ALA A 73 11.65 12.03 7.41
N GLY A 74 10.33 12.09 7.40
CA GLY A 74 9.63 13.30 7.87
C GLY A 74 9.17 14.13 6.70
N ALA A 75 7.89 13.99 6.39
CA ALA A 75 7.26 14.82 5.39
C ALA A 75 6.50 15.88 6.16
N PRO A 76 6.95 17.12 6.04
CA PRO A 76 6.23 18.16 6.77
C PRO A 76 4.78 18.41 6.24
N THR A 77 4.44 17.77 5.11
CA THR A 77 3.38 18.23 4.25
C THR A 77 2.70 17.08 3.52
N ALA A 78 1.37 17.10 3.44
CA ALA A 78 0.58 16.07 2.81
C ALA A 78 -0.68 16.63 2.11
N LEU A 79 -0.99 16.11 0.93
CA LEU A 79 -2.21 16.43 0.24
C LEU A 79 -3.26 15.47 0.70
N THR A 80 -4.40 15.99 1.20
CA THR A 80 -5.53 15.15 1.68
C THR A 80 -6.86 15.87 1.36
N VAL A 81 -7.92 15.51 2.08
CA VAL A 81 -9.28 15.94 1.82
C VAL A 81 -9.97 16.28 3.15
N ARG A 82 -10.63 17.44 3.18
CA ARG A 82 -11.48 17.83 4.31
C ARG A 82 -12.79 18.43 3.78
N GLU A 83 -13.91 17.92 4.28
CA GLU A 83 -15.25 18.33 3.81
C GLU A 83 -15.28 18.35 2.30
N GLY A 84 -15.01 17.18 1.74
CA GLY A 84 -14.97 16.97 0.29
C GLY A 84 -14.01 17.80 -0.53
N GLN A 85 -13.18 18.61 0.09
CA GLN A 85 -12.25 19.40 -0.69
C GLN A 85 -10.77 19.11 -0.42
N ALA A 86 -9.98 19.34 -1.45
CA ALA A 86 -8.57 19.11 -1.42
C ALA A 86 -7.89 20.14 -0.55
N VAL A 87 -7.14 19.67 0.44
CA VAL A 87 -6.36 20.54 1.30
C VAL A 87 -4.98 19.93 1.67
N TRP A 88 -3.97 20.77 1.82
CA TRP A 88 -2.67 20.41 2.38
C TRP A 88 -2.63 20.49 3.92
N LEU A 89 -2.06 19.49 4.57
CA LEU A 89 -1.70 19.60 5.96
C LEU A 89 -0.27 20.06 5.96
N GLY A 90 0.10 20.92 6.91
CA GLY A 90 1.44 21.56 6.91
C GLY A 90 1.48 22.57 5.79
N ALA A 91 2.54 23.34 5.71
CA ALA A 91 2.53 24.52 4.84
C ALA A 91 3.12 24.27 3.48
N VAL A 92 2.41 24.71 2.46
CA VAL A 92 2.90 24.67 1.09
C VAL A 92 2.78 26.04 0.46
N PRO A 93 3.60 26.33 -0.54
CA PRO A 93 3.50 27.62 -1.22
C PRO A 93 2.29 27.82 -2.17
N LYS A 94 2.16 29.06 -2.61
CA LYS A 94 0.91 29.57 -3.23
C LYS A 94 0.52 28.78 -4.45
N ASP A 95 1.53 28.36 -5.22
CA ASP A 95 1.35 27.59 -6.45
C ASP A 95 0.97 26.12 -6.28
N ALA A 96 0.92 25.62 -5.06
CA ALA A 96 0.48 24.25 -4.84
C ALA A 96 -1.04 24.11 -4.90
N PRO A 97 -1.54 23.25 -5.80
CA PRO A 97 -2.97 23.10 -6.02
C PRO A 97 -3.73 22.81 -4.76
N THR A 98 -4.75 23.59 -4.48
CA THR A 98 -5.55 23.31 -3.34
C THR A 98 -7.01 23.64 -3.60
N GLY A 99 -7.89 23.17 -2.73
CA GLY A 99 -9.32 23.25 -2.96
C GLY A 99 -9.79 22.34 -4.08
N GLY A 100 -11.05 21.96 -4.01
CA GLY A 100 -11.72 21.32 -5.11
C GLY A 100 -11.62 19.80 -5.08
N ASP A 101 -11.67 19.24 -6.28
CA ASP A 101 -11.49 17.84 -6.49
C ASP A 101 -10.06 17.44 -6.07
N PRO A 102 -9.95 16.52 -5.12
CA PRO A 102 -8.61 16.07 -4.69
C PRO A 102 -7.83 15.30 -5.76
N LEU A 103 -8.52 14.48 -6.53
CA LEU A 103 -7.87 13.78 -7.66
C LEU A 103 -7.29 14.73 -8.65
N ARG A 104 -8.05 15.77 -9.01
CA ARG A 104 -7.51 16.80 -9.94
C ARG A 104 -6.35 17.51 -9.30
N ALA A 105 -6.48 17.84 -8.01
CA ALA A 105 -5.38 18.47 -7.26
C ALA A 105 -4.09 17.60 -7.31
N LEU A 106 -4.26 16.30 -7.02
CA LEU A 106 -3.18 15.32 -7.15
C LEU A 106 -2.65 15.21 -8.57
N GLN A 107 -3.55 15.20 -9.55
CA GLN A 107 -3.11 15.15 -10.96
C GLN A 107 -2.21 16.31 -11.31
N VAL A 108 -2.55 17.52 -10.86
CA VAL A 108 -1.76 18.71 -11.26
C VAL A 108 -0.45 18.78 -10.51
N THR A 109 -0.52 18.48 -9.21
CA THR A 109 0.69 18.31 -8.41
C THR A 109 1.71 17.42 -9.10
N LEU A 110 1.27 16.24 -9.61
CA LEU A 110 2.19 15.31 -10.32
C LEU A 110 2.66 15.87 -11.65
N GLU A 111 1.77 16.53 -12.39
CA GLU A 111 2.21 17.19 -13.64
C GLU A 111 3.24 18.24 -13.33
N LEU A 112 3.03 19.00 -12.26
CA LEU A 112 4.01 20.04 -11.92
C LEU A 112 5.36 19.46 -11.48
N LEU A 113 5.33 18.49 -10.58
CA LEU A 113 6.55 18.03 -9.92
C LEU A 113 7.26 16.85 -10.57
N ALA A 114 7.06 16.60 -11.86
CA ALA A 114 7.84 15.57 -12.55
C ALA A 114 9.37 15.85 -12.50
N THR A 115 10.17 14.78 -12.62
CA THR A 115 11.64 14.86 -12.70
C THR A 115 12.12 14.18 -13.97
N ALA A 116 13.45 14.17 -14.16
CA ALA A 116 14.14 13.48 -15.26
C ALA A 116 14.04 11.95 -15.15
N ASP A 117 14.36 11.26 -16.25
CA ASP A 117 14.07 9.83 -16.37
C ASP A 117 14.84 9.20 -17.53
N PRO A 122 19.85 8.09 -15.39
CA PRO A 122 20.09 8.87 -14.19
C PRO A 122 20.86 8.10 -13.08
N GLY A 123 20.38 6.92 -12.68
CA GLY A 123 21.00 6.10 -11.62
C GLY A 123 20.20 5.84 -10.33
N LEU A 124 19.09 6.54 -10.12
CA LEU A 124 18.35 6.57 -8.83
C LEU A 124 17.64 5.25 -8.38
N PRO A 125 17.44 5.05 -7.06
CA PRO A 125 16.68 3.89 -6.64
C PRO A 125 15.23 4.01 -7.13
N PRO A 126 14.47 2.93 -7.01
CA PRO A 126 13.15 2.92 -7.61
C PRO A 126 12.25 4.02 -7.07
N LEU A 127 12.28 4.25 -5.78
CA LEU A 127 11.57 5.36 -5.20
C LEU A 127 12.65 6.24 -4.58
N SER A 128 12.76 7.46 -5.07
CA SER A 128 13.68 8.48 -4.53
C SER A 128 12.94 9.72 -4.04
N GLY A 129 11.62 9.73 -4.20
CA GLY A 129 10.81 10.88 -3.84
C GLY A 129 9.46 10.86 -4.51
N GLY A 130 8.43 11.32 -3.82
CA GLY A 130 7.11 11.51 -4.48
C GLY A 130 5.98 11.63 -3.54
N MET A 131 4.78 11.35 -4.03
CA MET A 131 3.60 11.39 -3.17
C MET A 131 3.36 9.99 -2.65
N VAL A 132 3.32 9.85 -1.33
CA VAL A 132 3.32 8.56 -0.69
C VAL A 132 2.21 8.50 0.33
N GLY A 133 1.29 7.56 0.19
CA GLY A 133 0.23 7.40 1.20
C GLY A 133 -0.85 6.43 0.78
N PHE A 134 -2.12 6.79 1.04
CA PHE A 134 -3.23 5.92 0.71
C PHE A 134 -4.38 6.61 -0.07
N PHE A 135 -5.18 5.76 -0.70
CA PHE A 135 -6.52 6.07 -1.16
C PHE A 135 -7.46 5.17 -0.43
N ALA A 136 -8.48 5.73 0.22
CA ALA A 136 -9.54 4.88 0.80
C ALA A 136 -10.31 4.17 -0.31
N TYR A 137 -10.83 3.00 0.03
CA TYR A 137 -11.78 2.34 -0.79
C TYR A 137 -12.86 3.33 -1.22
N ASP A 138 -13.32 4.15 -0.30
CA ASP A 138 -14.46 5.01 -0.58
C ASP A 138 -14.13 6.12 -1.55
N MET A 139 -12.87 6.29 -1.95
CA MET A 139 -12.55 7.15 -3.09
CA MET A 139 -12.63 7.21 -3.07
C MET A 139 -13.32 6.68 -4.35
N VAL A 140 -13.67 5.40 -4.42
CA VAL A 140 -14.38 4.91 -5.58
C VAL A 140 -15.70 5.65 -5.79
N ARG A 141 -16.26 6.20 -4.72
CA ARG A 141 -17.51 6.96 -4.77
C ARG A 141 -17.46 8.13 -5.72
N ARG A 142 -16.27 8.55 -6.09
CA ARG A 142 -16.07 9.68 -6.98
C ARG A 142 -15.82 9.23 -8.43
N LEU A 143 -15.83 7.94 -8.67
CA LEU A 143 -15.59 7.41 -9.99
C LEU A 143 -16.79 6.60 -10.47
N GLU A 144 -17.67 6.23 -9.56
CA GLU A 144 -18.81 5.39 -9.87
C GLU A 144 -19.88 5.84 -8.87
N ARG A 145 -21.14 5.81 -9.29
CA ARG A 145 -22.29 6.20 -8.48
C ARG A 145 -22.64 5.04 -7.62
N LEU A 146 -22.66 5.26 -6.30
CA LEU A 146 -23.00 4.17 -5.44
C LEU A 146 -23.99 4.64 -4.39
N PRO A 147 -24.85 3.72 -3.95
CA PRO A 147 -25.77 3.99 -2.85
C PRO A 147 -25.02 4.29 -1.54
N GLU A 148 -25.68 4.99 -0.63
CA GLU A 148 -25.07 5.42 0.63
C GLU A 148 -25.85 4.91 1.83
N ARG A 149 -25.91 3.60 1.92
CA ARG A 149 -26.56 2.87 2.98
C ARG A 149 -25.65 2.66 4.22
N ALA A 150 -24.40 2.28 4.01
CA ALA A 150 -23.52 1.92 5.12
C ALA A 150 -23.07 3.18 5.84
N VAL A 151 -22.84 3.09 7.15
CA VAL A 151 -22.49 4.30 7.91
C VAL A 151 -21.00 4.55 7.92
N ASP A 152 -20.62 5.81 7.77
CA ASP A 152 -19.21 6.18 7.86
C ASP A 152 -18.73 6.43 9.32
N ASP A 153 -18.57 5.30 10.01
CA ASP A 153 -17.89 5.11 11.31
C ASP A 153 -16.51 5.75 11.45
N LEU A 154 -15.58 5.38 10.56
CA LEU A 154 -14.15 5.76 10.71
C LEU A 154 -13.81 7.16 10.24
N CYS A 155 -14.60 7.70 9.31
CA CYS A 155 -14.43 9.09 8.85
C CYS A 155 -13.05 9.45 8.29
N LEU A 156 -12.48 8.57 7.46
CA LEU A 156 -11.14 8.81 6.89
C LEU A 156 -11.32 9.61 5.64
N PRO A 157 -10.29 10.34 5.22
CA PRO A 157 -10.39 11.08 3.99
C PRO A 157 -10.20 10.13 2.82
N ASP A 158 -10.71 10.53 1.67
CA ASP A 158 -10.63 9.71 0.46
C ASP A 158 -9.19 9.37 0.11
N MET A 159 -8.29 10.28 0.44
CA MET A 159 -6.88 10.08 0.21
C MET A 159 -6.08 10.88 1.20
N LEU A 160 -4.83 10.48 1.37
CA LEU A 160 -3.83 11.34 1.99
C LEU A 160 -2.47 10.88 1.50
N LEU A 161 -1.74 11.77 0.86
CA LEU A 161 -0.47 11.47 0.32
C LEU A 161 0.57 12.47 0.81
N LEU A 162 1.56 11.97 1.55
CA LEU A 162 2.70 12.76 1.98
C LEU A 162 3.46 13.29 0.78
N LEU A 163 3.94 14.52 0.87
CA LEU A 163 4.86 14.99 -0.13
C LEU A 163 6.19 14.57 0.45
N ALA A 164 6.64 13.39 0.03
CA ALA A 164 7.82 12.76 0.63
C ALA A 164 9.06 13.18 -0.11
N THR A 165 9.74 14.17 0.45
CA THR A 165 10.91 14.78 -0.24
C THR A 165 12.24 14.36 0.36
N ASP A 166 12.21 13.87 1.59
CA ASP A 166 13.41 13.33 2.23
C ASP A 166 13.24 11.82 2.34
N VAL A 167 14.00 11.11 1.51
CA VAL A 167 13.86 9.66 1.40
C VAL A 167 15.22 8.99 1.53
N ALA A 168 15.24 7.89 2.26
CA ALA A 168 16.42 6.98 2.34
C ALA A 168 16.08 5.64 1.68
N ALA A 169 16.80 5.33 0.63
CA ALA A 169 16.63 4.05 -0.05
C ALA A 169 17.73 3.07 0.41
N VAL A 170 17.29 2.01 1.09
CA VAL A 170 18.18 1.01 1.69
C VAL A 170 18.39 -0.11 0.71
N ASP A 171 19.63 -0.30 0.27
CA ASP A 171 20.00 -1.33 -0.70
C ASP A 171 20.60 -2.55 0.03
N HIS A 172 19.78 -3.59 0.23
CA HIS A 172 20.22 -4.83 0.89
C HIS A 172 21.34 -5.57 0.17
N HIS A 173 21.45 -5.41 -1.14
CA HIS A 173 22.48 -6.11 -1.85
C HIS A 173 23.81 -5.46 -1.56
N GLU A 174 23.90 -4.14 -1.69
CA GLU A 174 25.19 -3.47 -1.53
C GLU A 174 25.49 -3.20 -0.09
N GLY A 175 24.49 -3.32 0.78
CA GLY A 175 24.67 -2.86 2.15
C GLY A 175 24.76 -1.33 2.30
N THR A 176 24.28 -0.57 1.31
CA THR A 176 24.38 0.89 1.28
C THR A 176 23.01 1.54 1.53
N ILE A 177 23.02 2.82 1.94
CA ILE A 177 21.80 3.66 1.89
C ILE A 177 22.06 4.87 0.97
N THR A 178 21.13 5.12 0.05
CA THR A 178 21.16 6.30 -0.77
C THR A 178 20.15 7.30 -0.18
N LEU A 179 20.70 8.40 0.31
CA LEU A 179 19.93 9.48 0.88
C LEU A 179 19.55 10.46 -0.22
N ILE A 180 18.26 10.81 -0.26
CA ILE A 180 17.76 11.79 -1.26
C ILE A 180 17.00 12.92 -0.57
N ALA A 181 17.41 14.15 -0.87
CA ALA A 181 16.70 15.38 -0.46
C ALA A 181 16.31 16.05 -1.75
N ASN A 182 15.02 16.03 -2.02
CA ASN A 182 14.55 16.58 -3.27
C ASN A 182 14.23 18.09 -3.09
N ALA A 183 14.78 18.94 -3.94
CA ALA A 183 14.42 20.36 -3.98
C ALA A 183 13.11 20.55 -4.77
N VAL A 184 12.05 21.00 -4.13
CA VAL A 184 10.77 21.16 -4.81
C VAL A 184 10.57 22.63 -5.20
N ASN A 185 10.76 22.95 -6.49
CA ASN A 185 10.60 24.33 -6.99
C ASN A 185 9.23 24.60 -7.63
N TRP A 186 8.22 24.80 -6.79
CA TRP A 186 6.85 24.89 -7.29
C TRP A 186 6.68 25.98 -8.38
N ASN A 187 7.16 27.19 -8.09
CA ASN A 187 6.91 28.34 -8.98
C ASN A 187 7.61 28.25 -10.33
N GLY A 188 8.56 27.33 -10.46
CA GLY A 188 9.23 27.08 -11.74
C GLY A 188 10.22 28.15 -12.18
N THR A 189 10.43 29.17 -11.35
CA THR A 189 11.30 30.30 -11.72
C THR A 189 12.75 30.05 -11.35
N ASP A 190 13.61 30.90 -11.89
CA ASP A 190 15.05 30.85 -11.70
C ASP A 190 15.53 31.21 -10.29
N GLU A 191 14.64 31.72 -9.46
CA GLU A 191 15.06 32.35 -8.22
C GLU A 191 15.26 31.32 -7.15
N ARG A 192 16.16 31.63 -6.22
CA ARG A 192 16.48 30.77 -5.05
C ARG A 192 17.28 29.49 -5.32
N VAL A 193 17.80 29.34 -6.54
CA VAL A 193 18.51 28.14 -6.93
C VAL A 193 19.57 27.74 -5.91
N ASP A 194 20.48 28.64 -5.62
CA ASP A 194 21.58 28.34 -4.71
C ASP A 194 21.10 28.11 -3.31
N TRP A 195 19.97 28.73 -2.96
CA TRP A 195 19.36 28.53 -1.65
C TRP A 195 18.78 27.11 -1.54
N ALA A 196 18.22 26.66 -2.64
CA ALA A 196 17.57 25.36 -2.71
C ALA A 196 18.61 24.25 -2.51
N TYR A 197 19.71 24.37 -3.23
CA TYR A 197 20.83 23.49 -3.04
C TYR A 197 21.22 23.41 -1.57
N ASP A 198 21.51 24.54 -0.91
CA ASP A 198 22.04 24.48 0.46
C ASP A 198 21.04 23.87 1.42
N ASP A 199 19.77 24.22 1.22
CA ASP A 199 18.66 23.62 1.98
C ASP A 199 18.65 22.08 1.83
N ALA A 200 18.80 21.60 0.59
CA ALA A 200 18.77 20.14 0.32
C ALA A 200 19.98 19.49 1.01
N VAL A 201 21.14 20.09 0.83
CA VAL A 201 22.34 19.64 1.47
C VAL A 201 22.16 19.59 2.99
N ALA A 202 21.43 20.53 3.55
CA ALA A 202 21.25 20.53 5.00
C ALA A 202 20.36 19.41 5.47
N ARG A 203 19.37 19.07 4.65
CA ARG A 203 18.48 17.95 4.95
C ARG A 203 19.26 16.61 4.85
N LEU A 204 20.10 16.50 3.83
CA LEU A 204 21.07 15.37 3.75
C LEU A 204 21.92 15.28 5.00
N ASP A 205 22.49 16.43 5.42
CA ASP A 205 23.30 16.48 6.63
C ASP A 205 22.48 16.06 7.82
N VAL A 206 21.24 16.48 7.92
CA VAL A 206 20.44 15.96 9.05
C VAL A 206 20.30 14.42 9.01
N MET A 207 20.04 13.86 7.83
CA MET A 207 19.79 12.40 7.78
C MET A 207 21.07 11.66 8.06
N THR A 208 22.14 12.19 7.49
CA THR A 208 23.46 11.68 7.74
C THR A 208 23.80 11.61 9.24
N ALA A 209 23.54 12.67 10.00
CA ALA A 209 23.96 12.70 11.38
C ALA A 209 23.05 11.79 12.16
N ALA A 210 21.79 11.72 11.72
CA ALA A 210 20.89 10.81 12.39
C ALA A 210 21.42 9.39 12.22
N LEU A 211 21.92 9.07 11.02
CA LEU A 211 22.54 7.74 10.80
C LEU A 211 23.80 7.49 11.65
N GLY A 212 24.50 8.59 11.94
CA GLY A 212 25.69 8.61 12.79
C GLY A 212 25.49 8.31 14.27
N GLN A 213 24.25 8.30 14.74
CA GLN A 213 23.97 8.08 16.14
C GLN A 213 24.12 6.61 16.50
N PRO A 214 24.32 6.31 17.79
CA PRO A 214 24.30 4.93 18.20
C PRO A 214 22.90 4.48 18.31
N LEU A 215 22.67 3.21 18.67
CA LEU A 215 21.36 2.68 18.95
C LEU A 215 21.36 1.58 19.99
N PRO A 216 20.40 1.60 20.90
CA PRO A 216 20.21 0.45 21.76
C PRO A 216 19.68 -0.76 21.04
N SER A 217 19.85 -1.92 21.65
CA SER A 217 19.42 -3.16 21.08
C SER A 217 17.90 -3.24 21.09
N THR A 218 17.30 -3.90 20.10
CA THR A 218 15.92 -4.39 20.25
C THR A 218 15.84 -5.89 20.18
N VAL A 219 16.99 -6.53 20.38
CA VAL A 219 16.97 -7.99 20.36
C VAL A 219 15.92 -8.43 21.34
N ALA A 220 15.07 -9.38 20.98
CA ALA A 220 13.83 -9.53 21.75
C ALA A 220 13.25 -10.90 21.70
N THR A 221 12.33 -11.15 22.63
CA THR A 221 11.50 -12.33 22.60
C THR A 221 10.03 -11.89 22.66
N PHE A 222 9.13 -12.81 22.33
CA PHE A 222 7.69 -12.53 22.39
C PHE A 222 6.97 -13.84 22.39
N SER A 223 5.75 -13.85 22.90
CA SER A 223 4.87 -15.02 22.85
C SER A 223 3.66 -14.65 21.96
N ARG A 224 2.80 -15.63 21.72
CA ARG A 224 1.68 -15.49 20.80
C ARG A 224 0.37 -15.76 21.54
N PRO A 225 -0.06 -14.79 22.36
CA PRO A 225 -1.35 -14.90 23.00
C PRO A 225 -2.48 -14.68 22.01
N GLU A 226 -3.58 -15.40 22.24
CA GLU A 226 -4.83 -15.19 21.52
C GLU A 226 -5.41 -13.84 21.90
N PRO A 227 -5.72 -12.98 20.91
CA PRO A 227 -6.19 -11.64 21.26
C PRO A 227 -7.67 -11.68 21.59
N ARG A 228 -8.13 -10.80 22.49
CA ARG A 228 -9.55 -10.60 22.68
C ARG A 228 -9.94 -9.41 21.80
N HIS A 229 -10.99 -9.58 20.98
CA HIS A 229 -11.38 -8.55 20.00
C HIS A 229 -12.88 -8.50 19.74
N ARG A 230 -13.32 -7.42 19.14
CA ARG A 230 -14.74 -7.22 18.84
C ARG A 230 -15.00 -7.45 17.36
N ALA A 231 -16.07 -8.18 17.06
CA ALA A 231 -16.48 -8.43 15.67
C ALA A 231 -17.80 -7.74 15.35
N GLN A 232 -17.95 -7.24 14.12
CA GLN A 232 -19.21 -6.63 13.71
C GLN A 232 -20.35 -7.61 13.50
N ARG A 233 -20.00 -8.88 13.24
CA ARG A 233 -20.92 -9.93 12.82
C ARG A 233 -20.66 -11.29 13.46
N THR A 234 -21.73 -11.96 13.84
CA THR A 234 -21.67 -13.33 14.29
C THR A 234 -21.53 -14.28 13.09
N VAL A 235 -21.26 -15.56 13.38
CA VAL A 235 -21.19 -16.58 12.33
C VAL A 235 -22.49 -16.65 11.56
N GLU A 236 -23.59 -16.32 12.26
CA GLU A 236 -24.94 -16.45 11.72
C GLU A 236 -25.25 -15.29 10.83
N GLU A 237 -24.94 -14.10 11.32
CA GLU A 237 -25.15 -12.92 10.51
C GLU A 237 -24.29 -12.98 9.27
N TYR A 238 -23.04 -13.43 9.42
CA TYR A 238 -22.11 -13.46 8.30
C TYR A 238 -22.48 -14.54 7.29
N GLY A 239 -22.78 -15.73 7.80
CA GLY A 239 -23.19 -16.86 6.96
C GLY A 239 -24.43 -16.59 6.13
N ALA A 240 -25.31 -15.72 6.64
CA ALA A 240 -26.55 -15.35 5.98
C ALA A 240 -26.32 -14.28 4.91
N ILE A 241 -25.44 -13.33 5.21
CA ILE A 241 -24.96 -12.40 4.16
C ILE A 241 -24.36 -13.17 3.00
N VAL A 242 -23.52 -14.17 3.30
CA VAL A 242 -22.94 -15.00 2.26
C VAL A 242 -24.02 -15.73 1.45
N GLU A 243 -25.04 -16.27 2.13
CA GLU A 243 -26.13 -16.95 1.42
C GLU A 243 -26.91 -16.00 0.53
N TYR A 244 -27.08 -14.76 1.00
CA TYR A 244 -27.76 -13.75 0.20
C TYR A 244 -27.03 -13.52 -1.09
N LEU A 245 -25.75 -13.26 -0.95
CA LEU A 245 -24.87 -13.07 -2.10
C LEU A 245 -24.78 -14.31 -3.01
N VAL A 246 -24.75 -15.51 -2.45
CA VAL A 246 -24.80 -16.74 -3.27
C VAL A 246 -26.08 -16.78 -4.15
N ASP A 247 -27.21 -16.33 -3.59
CA ASP A 247 -28.49 -16.23 -4.30
C ASP A 247 -28.44 -15.21 -5.43
N GLN A 248 -27.95 -14.01 -5.14
CA GLN A 248 -27.78 -13.00 -6.20
C GLN A 248 -26.96 -13.54 -7.37
N ILE A 249 -25.86 -14.23 -7.02
CA ILE A 249 -24.92 -14.74 -8.01
C ILE A 249 -25.58 -15.85 -8.85
N ALA A 250 -26.19 -16.83 -8.20
CA ALA A 250 -26.96 -17.85 -8.92
C ALA A 250 -27.95 -17.26 -9.93
N ALA A 251 -28.58 -16.15 -9.57
CA ALA A 251 -29.53 -15.48 -10.47
C ALA A 251 -28.89 -14.74 -11.61
N GLY A 252 -27.59 -14.52 -11.49
CA GLY A 252 -26.84 -13.78 -12.50
C GLY A 252 -26.67 -12.31 -12.22
N GLU A 253 -26.82 -11.88 -10.98
CA GLU A 253 -26.53 -10.49 -10.62
C GLU A 253 -25.02 -10.12 -10.77
N ALA A 254 -24.17 -11.07 -10.42
CA ALA A 254 -22.71 -10.93 -10.56
C ALA A 254 -22.12 -12.32 -10.64
N PHE A 255 -20.83 -12.44 -11.00
CA PHE A 255 -20.14 -13.73 -10.93
C PHE A 255 -19.50 -13.92 -9.57
N GLN A 256 -19.13 -12.82 -8.95
CA GLN A 256 -18.39 -12.94 -7.71
C GLN A 256 -18.44 -11.61 -6.98
N VAL A 257 -18.50 -11.69 -5.66
CA VAL A 257 -18.48 -10.48 -4.81
C VAL A 257 -17.68 -10.78 -3.52
N VAL A 258 -16.99 -9.75 -3.03
CA VAL A 258 -16.07 -9.89 -1.89
C VAL A 258 -16.61 -9.07 -0.72
N PRO A 259 -17.48 -9.67 0.10
CA PRO A 259 -17.89 -9.09 1.34
C PRO A 259 -16.79 -9.23 2.38
N SER A 260 -16.83 -8.34 3.38
CA SER A 260 -15.89 -8.31 4.50
C SER A 260 -16.63 -7.91 5.79
N GLN A 261 -15.99 -8.05 6.94
CA GLN A 261 -16.42 -7.30 8.14
C GLN A 261 -15.26 -6.77 8.93
N ARG A 262 -15.58 -5.85 9.84
CA ARG A 262 -14.55 -5.27 10.69
C ARG A 262 -14.45 -5.93 12.06
N PHE A 263 -13.20 -6.13 12.49
CA PHE A 263 -12.85 -6.55 13.83
C PHE A 263 -12.05 -5.43 14.48
N GLU A 264 -12.01 -5.40 15.82
CA GLU A 264 -11.30 -4.35 16.57
CA GLU A 264 -11.24 -4.37 16.54
C GLU A 264 -10.70 -4.84 17.90
N MET A 265 -9.57 -4.25 18.29
CA MET A 265 -8.92 -4.48 19.60
C MET A 265 -8.55 -3.14 20.18
N ASP A 266 -8.61 -3.01 21.50
CA ASP A 266 -8.01 -1.83 22.13
C ASP A 266 -6.58 -2.18 22.48
N THR A 267 -5.65 -1.29 22.20
CA THR A 267 -4.24 -1.54 22.46
C THR A 267 -3.49 -0.23 22.41
N ASP A 268 -2.43 -0.16 23.18
CA ASP A 268 -1.58 1.02 23.18
C ASP A 268 -0.16 0.72 22.64
N VAL A 269 0.01 -0.48 22.11
CA VAL A 269 1.29 -0.95 21.58
C VAL A 269 1.74 -0.09 20.41
N ASP A 270 3.03 0.19 20.31
CA ASP A 270 3.53 1.00 19.23
C ASP A 270 3.26 0.29 17.93
N PRO A 271 3.00 1.07 16.88
CA PRO A 271 2.78 0.51 15.58
C PRO A 271 3.97 -0.29 15.05
N ILE A 272 5.18 0.20 15.27
CA ILE A 272 6.37 -0.47 14.74
C ILE A 272 6.45 -1.87 15.32
N ASP A 273 5.99 -2.05 16.56
CA ASP A 273 6.08 -3.37 17.16
C ASP A 273 5.15 -4.32 16.47
N VAL A 274 4.02 -3.81 15.99
CA VAL A 274 3.10 -4.66 15.21
C VAL A 274 3.76 -5.00 13.86
N TYR A 275 4.30 -3.98 13.21
CA TYR A 275 5.08 -4.20 11.97
C TYR A 275 6.13 -5.33 12.16
N ARG A 276 6.86 -5.26 13.27
CA ARG A 276 7.91 -6.25 13.56
C ARG A 276 7.32 -7.62 13.61
N ILE A 277 6.17 -7.80 14.26
CA ILE A 277 5.62 -9.15 14.33
C ILE A 277 5.07 -9.61 12.98
N LEU A 278 4.48 -8.69 12.22
CA LEU A 278 4.00 -9.04 10.88
C LEU A 278 5.12 -9.47 9.97
N ARG A 279 6.22 -8.72 10.05
CA ARG A 279 7.40 -8.97 9.22
C ARG A 279 7.92 -10.40 9.45
N VAL A 280 7.91 -10.84 10.71
CA VAL A 280 8.37 -12.18 11.08
C VAL A 280 7.34 -13.22 10.75
N THR A 281 6.06 -12.91 10.92
CA THR A 281 5.05 -13.94 10.80
C THR A 281 4.43 -14.05 9.42
N ASN A 282 4.22 -12.91 8.76
CA ASN A 282 3.55 -12.88 7.45
C ASN A 282 4.25 -11.93 6.51
N PRO A 283 5.51 -12.22 6.18
CA PRO A 283 6.24 -11.39 5.25
C PRO A 283 5.53 -11.42 3.92
N SER A 284 5.57 -10.33 3.19
CA SER A 284 4.76 -10.25 2.00
C SER A 284 5.44 -9.36 1.01
N PRO A 285 4.97 -9.36 -0.23
CA PRO A 285 5.54 -8.46 -1.22
C PRO A 285 5.29 -6.97 -0.96
N TYR A 286 4.32 -6.61 -0.13
CA TYR A 286 4.15 -5.20 0.28
C TYR A 286 4.02 -5.00 1.81
N MET A 287 5.12 -4.67 2.48
CA MET A 287 5.05 -4.37 3.91
C MET A 287 5.04 -2.87 4.03
N TYR A 288 4.23 -2.33 4.91
CA TYR A 288 4.31 -0.89 5.12
C TYR A 288 3.98 -0.50 6.51
N LEU A 289 4.63 0.56 6.94
CA LEU A 289 4.30 1.21 8.20
C LEU A 289 4.25 2.69 7.85
N LEU A 290 3.14 3.34 8.20
CA LEU A 290 2.97 4.75 7.86
C LEU A 290 2.37 5.50 9.07
N GLN A 291 2.97 6.63 9.42
CA GLN A 291 2.49 7.49 10.53
C GLN A 291 1.73 8.65 9.90
N VAL A 292 0.39 8.63 9.97
CA VAL A 292 -0.32 9.69 9.26
C VAL A 292 -0.56 10.85 10.20
N PRO A 293 -0.03 12.01 9.80
CA PRO A 293 -0.08 13.26 10.50
C PRO A 293 -1.45 13.87 10.42
N ASN A 294 -1.77 14.75 11.37
CA ASN A 294 -2.95 15.63 11.33
C ASN A 294 -2.56 17.04 10.92
N SER A 295 -3.55 17.93 10.94
CA SER A 295 -3.31 19.34 10.57
C SER A 295 -2.37 19.97 11.58
N ASP A 296 -2.41 19.49 12.81
CA ASP A 296 -1.45 19.97 13.83
C ASP A 296 -0.06 19.37 13.70
N GLY A 297 0.07 18.26 13.00
CA GLY A 297 1.41 17.74 12.71
C GLY A 297 1.88 16.71 13.72
N ALA A 298 0.97 16.23 14.53
CA ALA A 298 1.16 15.08 15.38
C ALA A 298 0.57 13.85 14.66
N VAL A 299 0.65 12.66 15.25
CA VAL A 299 0.15 11.52 14.50
C VAL A 299 -1.33 11.40 14.76
N ASP A 300 -2.07 11.43 13.67
CA ASP A 300 -3.48 11.21 13.67
C ASP A 300 -3.70 9.72 13.81
N PHE A 301 -3.10 8.93 12.93
CA PHE A 301 -3.18 7.49 13.13
C PHE A 301 -2.06 6.81 12.41
N SER A 302 -2.01 5.50 12.61
CA SER A 302 -0.92 4.68 12.04
C SER A 302 -1.47 3.52 11.24
N ILE A 303 -0.85 3.27 10.08
CA ILE A 303 -1.22 2.15 9.22
C ILE A 303 -0.07 1.16 9.19
N VAL A 304 -0.37 -0.09 9.51
CA VAL A 304 0.64 -1.15 9.52
C VAL A 304 0.07 -2.28 8.71
N GLY A 305 0.76 -2.70 7.66
CA GLY A 305 0.24 -3.79 6.85
C GLY A 305 1.26 -4.71 6.20
N SER A 306 0.81 -5.92 5.88
CA SER A 306 1.55 -6.84 5.05
C SER A 306 0.65 -7.37 3.97
N SER A 307 0.73 -6.78 2.79
CA SER A 307 -0.25 -7.11 1.78
C SER A 307 0.34 -8.06 0.77
N PRO A 308 -0.46 -9.03 0.32
CA PRO A 308 0.00 -10.00 -0.71
C PRO A 308 -0.17 -9.58 -2.16
N GLU A 309 -0.79 -8.44 -2.42
CA GLU A 309 -1.17 -8.14 -3.81
C GLU A 309 -1.16 -6.67 -4.12
N ALA A 310 -0.52 -6.32 -5.23
CA ALA A 310 -0.55 -4.95 -5.76
C ALA A 310 -1.88 -4.63 -6.42
N LEU A 311 -2.31 -3.38 -6.44
CA LEU A 311 -3.42 -2.97 -7.34
C LEU A 311 -2.81 -2.83 -8.70
N VAL A 312 -1.81 -1.94 -8.77
CA VAL A 312 -1.16 -1.70 -10.03
C VAL A 312 0.22 -1.16 -9.77
N THR A 313 1.08 -1.34 -10.75
CA THR A 313 2.44 -0.87 -10.73
C THR A 313 2.66 -0.24 -12.09
N VAL A 314 3.31 0.91 -12.12
CA VAL A 314 3.54 1.60 -13.38
C VAL A 314 5.00 1.84 -13.47
N HIS A 315 5.58 1.52 -14.61
CA HIS A 315 7.03 1.65 -14.75
C HIS A 315 7.34 1.87 -16.22
N GLU A 316 8.14 2.89 -16.48
CA GLU A 316 8.57 3.29 -17.80
C GLU A 316 7.50 3.16 -18.86
N GLY A 317 6.34 3.77 -18.58
CA GLY A 317 5.23 3.84 -19.54
C GLY A 317 4.22 2.71 -19.53
N TRP A 318 4.49 1.67 -18.74
CA TRP A 318 3.64 0.50 -18.80
C TRP A 318 3.01 0.34 -17.46
N ALA A 319 1.72 0.05 -17.46
CA ALA A 319 0.99 -0.29 -16.26
C ALA A 319 0.85 -1.80 -16.21
N THR A 320 1.05 -2.38 -15.03
CA THR A 320 0.94 -3.79 -14.87
C THR A 320 0.17 -4.15 -13.66
N THR A 321 -0.67 -5.18 -13.81
CA THR A 321 -1.44 -5.70 -12.68
C THR A 321 -1.19 -7.25 -12.52
N HIS A 322 -1.48 -7.79 -11.35
CA HIS A 322 -1.26 -9.22 -11.06
C HIS A 322 -2.46 -9.79 -10.36
N PRO A 323 -3.48 -10.16 -11.14
CA PRO A 323 -4.68 -10.75 -10.57
C PRO A 323 -4.30 -12.03 -9.86
N ILE A 324 -4.88 -12.22 -8.69
CA ILE A 324 -4.61 -13.38 -7.84
C ILE A 324 -5.96 -13.93 -7.37
N ALA A 325 -6.18 -15.21 -7.65
CA ALA A 325 -7.38 -15.90 -7.22
C ALA A 325 -7.19 -17.39 -7.38
N GLY A 326 -7.71 -18.14 -6.43
CA GLY A 326 -7.53 -19.57 -6.39
C GLY A 326 -6.58 -19.77 -5.23
N THR A 327 -6.98 -20.66 -4.31
CA THR A 327 -6.15 -20.95 -3.16
C THR A 327 -6.14 -22.41 -2.74
N ARG A 328 -4.97 -22.82 -2.28
CA ARG A 328 -4.83 -24.02 -1.49
C ARG A 328 -3.91 -23.64 -0.37
N TRP A 329 -4.00 -24.38 0.74
CA TRP A 329 -3.00 -24.29 1.81
C TRP A 329 -1.73 -24.87 1.25
N ARG A 330 -0.58 -24.31 1.63
CA ARG A 330 0.69 -24.95 1.31
C ARG A 330 0.65 -26.38 1.85
N GLY A 331 1.48 -27.25 1.32
CA GLY A 331 1.49 -28.66 1.73
C GLY A 331 2.19 -28.86 3.05
N ARG A 332 1.64 -29.76 3.87
CA ARG A 332 2.29 -30.23 5.10
C ARG A 332 2.54 -31.73 5.00
N THR A 333 3.51 -32.20 4.20
CA THR A 333 4.35 -31.37 3.32
C THR A 333 4.75 -32.11 2.03
N ASP A 334 6.00 -31.95 1.62
CA ASP A 334 6.38 -31.79 0.23
C ASP A 334 5.62 -32.57 -0.86
N ASP A 335 5.22 -33.80 -0.57
CA ASP A 335 4.40 -34.58 -1.51
C ASP A 335 2.99 -34.01 -1.55
N GLU A 336 2.49 -33.67 -0.38
CA GLU A 336 1.17 -33.08 -0.25
C GLU A 336 1.10 -31.74 -1.01
N ASP A 337 2.19 -30.98 -0.95
CA ASP A 337 2.28 -29.68 -1.63
C ASP A 337 2.04 -29.78 -3.13
N VAL A 338 2.45 -30.89 -3.73
CA VAL A 338 2.36 -31.03 -5.19
C VAL A 338 0.98 -31.54 -5.58
N LEU A 339 0.43 -32.41 -4.75
CA LEU A 339 -0.95 -32.85 -4.93
C LEU A 339 -1.86 -31.62 -4.98
N LEU A 340 -1.64 -30.71 -4.02
CA LEU A 340 -2.45 -29.49 -3.90
C LEU A 340 -2.36 -28.58 -5.14
N GLU A 341 -1.13 -28.34 -5.63
CA GLU A 341 -0.93 -27.65 -6.90
C GLU A 341 -1.64 -28.30 -8.11
N LYS A 342 -1.42 -29.59 -8.33
CA LYS A 342 -2.13 -30.32 -9.41
C LYS A 342 -3.65 -30.15 -9.25
N GLU A 343 -4.10 -30.06 -8.00
CA GLU A 343 -5.51 -29.93 -7.65
C GLU A 343 -6.09 -28.53 -7.96
N LEU A 344 -5.37 -27.50 -7.53
CA LEU A 344 -5.75 -26.11 -7.84
C LEU A 344 -5.80 -25.89 -9.35
N LEU A 345 -4.74 -26.30 -10.05
CA LEU A 345 -4.74 -26.23 -11.52
C LEU A 345 -5.89 -26.99 -12.13
N ALA A 346 -6.31 -28.09 -11.52
CA ALA A 346 -7.39 -28.92 -12.07
C ALA A 346 -8.78 -28.47 -11.61
N ASP A 347 -8.83 -27.50 -10.71
CA ASP A 347 -10.08 -26.96 -10.22
C ASP A 347 -10.66 -25.99 -11.25
N ASP A 348 -11.49 -26.52 -12.15
CA ASP A 348 -12.10 -25.71 -13.22
C ASP A 348 -12.90 -24.49 -12.74
N LYS A 349 -13.55 -24.64 -11.60
CA LYS A 349 -14.26 -23.50 -11.04
C LYS A 349 -13.31 -22.35 -10.73
N GLU A 350 -12.26 -22.65 -9.98
CA GLU A 350 -11.32 -21.62 -9.56
C GLU A 350 -10.58 -21.07 -10.77
N ARG A 351 -10.34 -21.91 -11.76
CA ARG A 351 -9.73 -21.43 -12.97
C ARG A 351 -10.58 -20.32 -13.57
N ALA A 352 -11.90 -20.53 -13.53
CA ALA A 352 -12.88 -19.62 -14.11
C ALA A 352 -12.95 -18.29 -13.38
N GLU A 353 -12.95 -18.38 -12.06
CA GLU A 353 -12.94 -17.23 -11.17
C GLU A 353 -11.70 -16.38 -11.46
N HIS A 354 -10.54 -17.05 -11.53
CA HIS A 354 -9.30 -16.37 -11.85
C HIS A 354 -9.37 -15.70 -13.23
N LEU A 355 -9.86 -16.43 -14.24
CA LEU A 355 -9.99 -15.86 -15.56
C LEU A 355 -10.92 -14.60 -15.60
N MET A 356 -12.04 -14.64 -14.91
CA MET A 356 -12.93 -13.48 -14.77
C MET A 356 -12.13 -12.27 -14.30
N LEU A 357 -11.29 -12.45 -13.29
CA LEU A 357 -10.52 -11.32 -12.78
C LEU A 357 -9.42 -10.92 -13.74
N VAL A 358 -8.84 -11.88 -14.45
CA VAL A 358 -7.87 -11.52 -15.46
C VAL A 358 -8.54 -10.66 -16.52
N ASP A 359 -9.75 -11.02 -16.98
CA ASP A 359 -10.45 -10.22 -18.00
C ASP A 359 -10.78 -8.82 -17.49
N LEU A 360 -11.30 -8.77 -16.27
CA LEU A 360 -11.54 -7.47 -15.59
C LEU A 360 -10.30 -6.59 -15.59
N GLY A 361 -9.13 -7.20 -15.42
CA GLY A 361 -7.89 -6.42 -15.44
C GLY A 361 -7.56 -5.92 -16.83
N ARG A 362 -7.76 -6.79 -17.82
CA ARG A 362 -7.57 -6.39 -19.21
C ARG A 362 -8.40 -5.16 -19.57
N ASN A 363 -9.67 -5.20 -19.17
CA ASN A 363 -10.57 -4.09 -19.40
C ASN A 363 -10.22 -2.83 -18.64
N ASP A 364 -9.98 -2.96 -17.33
CA ASP A 364 -9.52 -1.81 -16.56
C ASP A 364 -8.40 -1.15 -17.29
N LEU A 365 -7.39 -1.90 -17.68
CA LEU A 365 -6.27 -1.26 -18.30
C LEU A 365 -6.64 -0.71 -19.68
N GLY A 366 -7.63 -1.32 -20.33
CA GLY A 366 -8.07 -0.89 -21.66
C GLY A 366 -8.53 0.56 -21.64
N ARG A 367 -9.10 0.99 -20.52
CA ARG A 367 -9.50 2.37 -20.39
C ARG A 367 -8.41 3.41 -20.54
N VAL A 368 -7.12 3.08 -20.31
CA VAL A 368 -6.04 4.06 -20.33
C VAL A 368 -4.79 3.61 -21.05
N CYS A 369 -4.85 2.48 -21.74
CA CYS A 369 -3.70 2.00 -22.49
C CYS A 369 -4.02 2.02 -23.95
N THR A 370 -3.00 2.23 -24.77
CA THR A 370 -3.14 2.15 -26.20
C THR A 370 -3.66 0.80 -26.72
N PRO A 371 -4.73 0.83 -27.51
CA PRO A 371 -5.26 -0.39 -28.11
C PRO A 371 -4.20 -1.21 -28.81
N GLY A 372 -4.24 -2.52 -28.56
CA GLY A 372 -3.27 -3.47 -29.11
C GLY A 372 -2.00 -3.59 -28.29
N THR A 373 -2.06 -3.18 -27.01
CA THR A 373 -0.91 -3.31 -26.14
C THR A 373 -1.26 -4.02 -24.87
N VAL A 374 -2.55 -4.23 -24.60
CA VAL A 374 -2.91 -4.82 -23.34
C VAL A 374 -2.92 -6.34 -23.52
N ARG A 375 -1.96 -7.01 -22.87
CA ARG A 375 -1.75 -8.44 -23.04
C ARG A 375 -1.77 -9.13 -21.71
N VAL A 376 -2.03 -10.42 -21.75
CA VAL A 376 -1.92 -11.24 -20.56
C VAL A 376 -0.69 -12.07 -20.72
N GLU A 377 0.08 -12.24 -19.65
CA GLU A 377 1.12 -13.25 -19.67
C GLU A 377 1.28 -13.99 -18.36
N ASP A 378 2.06 -15.08 -18.45
CA ASP A 378 2.27 -16.00 -17.35
C ASP A 378 0.92 -16.39 -16.80
N TYR A 379 0.02 -16.72 -17.70
CA TYR A 379 -1.37 -16.87 -17.35
C TYR A 379 -1.57 -17.98 -16.37
N SER A 380 -2.22 -17.63 -15.26
CA SER A 380 -2.82 -18.58 -14.36
C SER A 380 -1.80 -19.62 -13.98
N HIS A 381 -0.75 -19.16 -13.30
CA HIS A 381 0.29 -20.06 -12.84
C HIS A 381 0.28 -19.96 -11.34
N ILE A 382 1.02 -20.87 -10.71
CA ILE A 382 1.02 -21.02 -9.26
C ILE A 382 2.11 -20.19 -8.63
N GLU A 383 1.79 -19.62 -7.47
CA GLU A 383 2.77 -18.94 -6.64
C GLU A 383 2.55 -19.47 -5.23
N ARG A 384 3.67 -19.77 -4.57
CA ARG A 384 3.67 -20.16 -3.17
C ARG A 384 3.98 -19.00 -2.27
N TYR A 385 3.18 -18.82 -1.22
CA TYR A 385 3.42 -17.81 -0.18
C TYR A 385 3.77 -18.59 1.09
N SER A 386 3.96 -17.91 2.22
CA SER A 386 4.36 -18.62 3.44
C SER A 386 3.36 -19.74 3.80
N HIS A 387 2.06 -19.42 3.85
CA HIS A 387 1.05 -20.38 4.31
C HIS A 387 0.12 -20.91 3.21
N VAL A 388 -0.07 -20.17 2.11
CA VAL A 388 -0.93 -20.63 1.00
C VAL A 388 -0.27 -20.46 -0.38
N MET A 389 -0.86 -21.11 -1.36
CA MET A 389 -0.52 -20.90 -2.77
C MET A 389 -1.76 -20.41 -3.51
N HIS A 390 -1.54 -19.67 -4.61
CA HIS A 390 -2.61 -19.12 -5.44
C HIS A 390 -2.33 -19.29 -6.92
N LEU A 391 -3.38 -19.11 -7.72
CA LEU A 391 -3.18 -18.83 -9.14
C LEU A 391 -2.92 -17.34 -9.31
N VAL A 392 -2.10 -17.00 -10.31
CA VAL A 392 -1.61 -15.65 -10.53
C VAL A 392 -1.39 -15.44 -12.01
N SER A 393 -1.67 -14.22 -12.49
CA SER A 393 -1.35 -13.88 -13.87
C SER A 393 -0.78 -12.48 -13.92
N THR A 394 -0.30 -12.09 -15.09
CA THR A 394 0.20 -10.77 -15.34
C THR A 394 -0.61 -10.13 -16.46
N VAL A 395 -1.09 -8.91 -16.21
CA VAL A 395 -1.76 -8.11 -17.25
C VAL A 395 -1.00 -6.80 -17.30
N THR A 396 -0.55 -6.44 -18.47
CA THR A 396 0.30 -5.32 -18.63
C THR A 396 -0.10 -4.61 -19.95
N GLY A 397 -0.03 -3.27 -19.93
CA GLY A 397 -0.46 -2.42 -21.05
C GLY A 397 0.39 -1.16 -21.15
N LYS A 398 0.44 -0.57 -22.34
CA LYS A 398 1.16 0.68 -22.54
C LYS A 398 0.21 1.84 -22.25
N LEU A 399 0.64 2.72 -21.33
CA LEU A 399 -0.23 3.87 -20.97
C LEU A 399 -0.52 4.69 -22.21
N GLY A 400 -1.77 5.00 -22.48
CA GLY A 400 -2.12 5.74 -23.71
C GLY A 400 -1.55 7.16 -23.73
N GLU A 401 -1.37 7.74 -24.93
CA GLU A 401 -0.74 9.06 -25.05
C GLU A 401 -1.46 10.04 -24.16
N GLY A 402 -0.68 10.83 -23.42
CA GLY A 402 -1.22 11.77 -22.47
C GLY A 402 -1.92 11.18 -21.26
N ARG A 403 -1.80 9.86 -21.02
CA ARG A 403 -2.33 9.28 -19.77
C ARG A 403 -1.22 9.18 -18.75
N THR A 404 -1.61 9.18 -17.48
CA THR A 404 -0.67 9.27 -16.37
C THR A 404 -0.74 8.04 -15.47
N ALA A 405 0.28 7.89 -14.63
CA ALA A 405 0.27 6.83 -13.60
C ALA A 405 -1.00 6.89 -12.77
N LEU A 406 -1.46 8.09 -12.45
CA LEU A 406 -2.71 8.22 -11.67
C LEU A 406 -3.94 7.76 -12.42
N ASP A 407 -3.98 8.00 -13.71
CA ASP A 407 -5.03 7.39 -14.53
C ASP A 407 -5.01 5.85 -14.43
N ALA A 408 -3.82 5.25 -14.39
CA ALA A 408 -3.72 3.79 -14.20
C ALA A 408 -4.35 3.34 -12.88
N VAL A 409 -4.03 4.08 -11.81
CA VAL A 409 -4.58 3.77 -10.49
C VAL A 409 -6.11 3.91 -10.47
N THR A 410 -6.62 5.04 -10.92
CA THR A 410 -8.06 5.22 -10.91
C THR A 410 -8.72 4.24 -11.87
N ALA A 411 -8.14 4.04 -13.04
CA ALA A 411 -8.73 3.07 -13.95
C ALA A 411 -8.85 1.67 -13.32
N CYS A 412 -7.94 1.29 -12.41
CA CYS A 412 -7.98 -0.06 -11.81
C CYS A 412 -8.76 -0.09 -10.51
N PHE A 413 -9.06 1.07 -9.95
CA PHE A 413 -9.51 1.14 -8.56
C PHE A 413 -10.99 0.86 -8.38
N PRO A 414 -11.36 0.00 -7.41
CA PRO A 414 -10.57 -0.87 -6.55
C PRO A 414 -10.30 -2.26 -7.17
N ALA A 415 -9.34 -2.98 -6.61
CA ALA A 415 -9.04 -4.30 -7.12
C ALA A 415 -10.30 -5.15 -7.24
N GLY A 416 -10.47 -5.82 -8.37
CA GLY A 416 -11.51 -6.82 -8.48
C GLY A 416 -11.46 -7.86 -7.40
N THR A 417 -10.25 -8.14 -6.91
CA THR A 417 -10.06 -9.16 -5.88
C THR A 417 -10.61 -8.71 -4.56
N LEU A 418 -10.87 -7.42 -4.42
CA LEU A 418 -11.58 -6.84 -3.25
C LEU A 418 -12.99 -6.25 -3.44
N SER A 419 -13.65 -6.63 -4.53
CA SER A 419 -14.92 -5.97 -4.93
C SER A 419 -15.75 -7.06 -5.60
N GLY A 420 -15.44 -7.30 -6.86
CA GLY A 420 -15.87 -8.51 -7.54
C GLY A 420 -16.03 -8.29 -9.02
N ALA A 421 -16.81 -9.17 -9.62
CA ALA A 421 -17.04 -9.17 -11.08
C ALA A 421 -18.51 -9.45 -11.37
N PRO A 422 -19.16 -8.56 -12.15
CA PRO A 422 -18.59 -7.29 -12.59
C PRO A 422 -18.51 -6.37 -11.40
N LYS A 423 -17.71 -5.31 -11.53
CA LYS A 423 -17.20 -4.61 -10.38
C LYS A 423 -18.27 -3.72 -9.74
N VAL A 424 -18.95 -2.92 -10.54
CA VAL A 424 -19.98 -2.03 -9.96
C VAL A 424 -21.11 -2.82 -9.28
N ARG A 425 -21.63 -3.80 -9.96
CA ARG A 425 -22.70 -4.54 -9.34
C ARG A 425 -22.23 -5.15 -8.01
N ALA A 426 -20.96 -5.57 -7.99
CA ALA A 426 -20.37 -6.16 -6.79
C ALA A 426 -20.24 -5.09 -5.71
N MET A 427 -19.79 -3.90 -6.07
CA MET A 427 -19.68 -2.84 -5.09
C MET A 427 -21.08 -2.55 -4.53
N GLU A 428 -22.06 -2.55 -5.42
CA GLU A 428 -23.42 -2.29 -5.01
C GLU A 428 -23.87 -3.28 -3.97
N LEU A 429 -23.66 -4.55 -4.25
CA LEU A 429 -23.94 -5.62 -3.30
C LEU A 429 -23.17 -5.53 -1.97
N ILE A 430 -21.89 -5.15 -2.07
CA ILE A 430 -21.08 -4.90 -0.89
C ILE A 430 -21.76 -3.81 -0.02
N GLU A 431 -22.17 -2.73 -0.66
CA GLU A 431 -22.82 -1.65 0.05
C GLU A 431 -24.15 -2.11 0.69
N GLU A 432 -24.91 -2.97 0.03
CA GLU A 432 -26.14 -3.48 0.62
CA GLU A 432 -26.15 -3.48 0.63
C GLU A 432 -25.88 -4.31 1.88
N VAL A 433 -24.83 -5.12 1.87
CA VAL A 433 -24.63 -6.10 2.93
C VAL A 433 -23.70 -5.70 4.08
N GLU A 434 -22.93 -4.62 3.92
CA GLU A 434 -21.90 -4.23 4.91
C GLU A 434 -22.40 -3.11 5.80
N LYS A 435 -22.05 -3.19 7.09
CA LYS A 435 -22.58 -2.28 8.11
C LYS A 435 -22.01 -0.88 8.00
N THR A 436 -20.69 -0.81 7.80
CA THR A 436 -19.96 0.44 7.80
C THR A 436 -19.19 0.65 6.51
N ARG A 437 -18.80 1.89 6.27
CA ARG A 437 -17.89 2.17 5.21
C ARG A 437 -16.51 1.56 5.45
N ARG A 438 -15.91 1.13 4.36
CA ARG A 438 -14.75 0.30 4.42
C ARG A 438 -13.55 1.09 4.93
N GLY A 439 -13.49 2.37 4.59
CA GLY A 439 -12.37 3.17 4.93
C GLY A 439 -11.21 2.76 4.06
N LEU A 440 -10.11 2.40 4.71
CA LEU A 440 -8.89 2.04 4.00
C LEU A 440 -9.04 0.65 3.44
N TYR A 441 -9.83 -0.21 4.09
CA TYR A 441 -9.95 -1.60 3.65
C TYR A 441 -10.36 -1.69 2.15
N GLY A 442 -9.59 -2.43 1.34
CA GLY A 442 -9.86 -2.52 -0.10
C GLY A 442 -9.38 -1.32 -0.91
N GLY A 443 -8.77 -0.36 -0.23
CA GLY A 443 -8.15 0.79 -0.87
C GLY A 443 -6.72 0.42 -1.22
N VAL A 444 -5.83 1.39 -1.32
CA VAL A 444 -4.44 1.08 -1.60
C VAL A 444 -3.52 1.90 -0.72
N VAL A 445 -2.32 1.35 -0.50
CA VAL A 445 -1.20 2.10 0.09
C VAL A 445 -0.02 1.99 -0.85
N GLY A 446 0.68 3.09 -1.06
CA GLY A 446 1.70 3.12 -2.07
C GLY A 446 2.20 4.51 -2.38
N TYR A 447 2.87 4.63 -3.52
CA TYR A 447 3.44 5.87 -3.95
C TYR A 447 3.33 6.15 -5.45
N LEU A 448 3.46 7.45 -5.75
CA LEU A 448 3.61 8.01 -7.10
C LEU A 448 4.84 8.84 -7.04
N ASP A 449 5.87 8.37 -7.72
CA ASP A 449 7.18 8.97 -7.61
C ASP A 449 7.27 10.07 -8.67
N PHE A 450 8.26 10.94 -8.54
CA PHE A 450 8.28 12.15 -9.36
C PHE A 450 8.70 11.85 -10.77
N ALA A 451 9.30 10.69 -10.98
CA ALA A 451 9.72 10.33 -12.31
C ALA A 451 8.59 9.73 -13.12
N GLY A 452 7.43 9.51 -12.54
CA GLY A 452 6.33 8.95 -13.31
C GLY A 452 5.90 7.54 -12.96
N ASN A 453 6.67 6.84 -12.13
CA ASN A 453 6.31 5.50 -11.72
C ASN A 453 5.35 5.48 -10.57
N ALA A 454 4.88 4.28 -10.26
CA ALA A 454 3.92 4.11 -9.19
C ALA A 454 3.86 2.67 -8.80
N ASP A 455 3.60 2.44 -7.52
CA ASP A 455 3.37 1.13 -7.00
C ASP A 455 2.40 1.19 -5.85
N PHE A 456 1.27 0.50 -5.98
CA PHE A 456 0.28 0.46 -4.91
C PHE A 456 -0.12 -0.93 -4.51
N ALA A 457 -0.13 -1.16 -3.20
CA ALA A 457 -0.59 -2.41 -2.67
C ALA A 457 -2.08 -2.32 -2.34
N ILE A 458 -2.79 -3.42 -2.51
CA ILE A 458 -4.14 -3.46 -1.98
C ILE A 458 -4.07 -3.42 -0.44
N ALA A 459 -4.86 -2.55 0.16
CA ALA A 459 -4.88 -2.41 1.62
C ALA A 459 -5.68 -3.49 2.32
N ILE A 460 -5.07 -4.65 2.45
CA ILE A 460 -5.60 -5.79 3.21
C ILE A 460 -4.51 -6.29 4.20
N ARG A 461 -4.91 -7.13 5.17
CA ARG A 461 -4.00 -7.65 6.20
C ARG A 461 -3.31 -6.44 6.81
N THR A 462 -4.14 -5.51 7.21
CA THR A 462 -3.69 -4.21 7.63
C THR A 462 -4.47 -3.76 8.84
N ALA A 463 -3.76 -3.05 9.72
CA ALA A 463 -4.30 -2.55 10.93
C ALA A 463 -4.28 -1.08 10.80
N LEU A 464 -5.36 -0.44 11.21
CA LEU A 464 -5.34 1.00 11.32
C LEU A 464 -5.46 1.24 12.80
N MET A 465 -4.55 2.06 13.31
CA MET A 465 -4.35 2.22 14.76
C MET A 465 -4.61 3.66 15.14
N ARG A 466 -5.68 3.89 15.90
CA ARG A 466 -6.14 5.26 16.25
CA ARG A 466 -6.09 5.24 16.27
C ARG A 466 -6.60 5.28 17.71
N ASN A 467 -6.12 6.28 18.45
CA ASN A 467 -6.57 6.55 19.83
C ASN A 467 -6.88 5.30 20.63
N GLY A 468 -5.90 4.43 20.78
CA GLY A 468 -6.03 3.29 21.66
C GLY A 468 -6.78 2.14 21.06
N THR A 469 -7.16 2.29 19.78
CA THR A 469 -7.86 1.22 19.08
C THR A 469 -7.20 0.87 17.75
N ALA A 470 -7.17 -0.44 17.52
CA ALA A 470 -6.68 -1.02 16.32
C ALA A 470 -7.84 -1.69 15.56
N TYR A 471 -8.06 -1.26 14.34
CA TYR A 471 -9.09 -1.86 13.44
C TYR A 471 -8.47 -2.81 12.44
N VAL A 472 -8.96 -4.03 12.40
CA VAL A 472 -8.60 -4.92 11.29
C VAL A 472 -9.81 -5.53 10.60
N GLN A 473 -9.93 -5.19 9.32
CA GLN A 473 -11.02 -5.65 8.47
C GLN A 473 -10.53 -6.73 7.52
N ALA A 474 -11.35 -7.75 7.32
CA ALA A 474 -11.01 -8.86 6.48
C ALA A 474 -12.26 -9.41 5.81
N GLY A 475 -12.07 -10.04 4.66
CA GLY A 475 -13.16 -10.61 3.88
C GLY A 475 -12.63 -11.69 2.95
N GLY A 476 -13.45 -12.07 1.99
CA GLY A 476 -13.13 -13.16 1.06
C GLY A 476 -14.18 -13.28 -0.03
N GLY A 477 -13.77 -13.86 -1.14
CA GLY A 477 -14.60 -13.86 -2.34
C GLY A 477 -15.71 -14.86 -2.20
N VAL A 478 -16.91 -14.43 -2.57
CA VAL A 478 -18.08 -15.31 -2.61
C VAL A 478 -18.41 -15.69 -4.06
N VAL A 479 -18.68 -16.97 -4.28
CA VAL A 479 -19.07 -17.48 -5.61
C VAL A 479 -20.29 -18.40 -5.47
N ALA A 480 -20.78 -18.87 -6.62
CA ALA A 480 -21.97 -19.71 -6.73
C ALA A 480 -22.12 -20.76 -5.61
N ASP A 481 -21.05 -21.46 -5.29
CA ASP A 481 -21.12 -22.56 -4.33
C ASP A 481 -20.48 -22.29 -2.97
N SER A 482 -20.26 -21.03 -2.63
CA SER A 482 -19.69 -20.70 -1.32
C SER A 482 -20.62 -21.11 -0.18
N ASN A 483 -19.98 -21.55 0.92
CA ASN A 483 -20.65 -21.91 2.15
C ASN A 483 -20.44 -20.80 3.21
N GLY A 484 -21.54 -20.38 3.87
CA GLY A 484 -21.55 -19.26 4.82
C GLY A 484 -20.54 -19.34 5.97
N SER A 485 -20.55 -20.47 6.68
CA SER A 485 -19.60 -20.72 7.79
C SER A 485 -18.17 -20.77 7.31
N TYR A 486 -17.93 -21.47 6.21
CA TYR A 486 -16.59 -21.56 5.68
C TYR A 486 -16.06 -20.16 5.40
N GLU A 487 -16.88 -19.32 4.75
CA GLU A 487 -16.42 -17.97 4.43
C GLU A 487 -16.24 -17.08 5.66
N TYR A 488 -17.14 -17.25 6.64
CA TYR A 488 -17.03 -16.52 7.89
C TYR A 488 -15.69 -16.78 8.54
N ASN A 489 -15.31 -18.05 8.55
CA ASN A 489 -14.11 -18.52 9.24
C ASN A 489 -12.86 -18.16 8.49
N GLU A 490 -12.88 -18.36 7.17
CA GLU A 490 -11.75 -17.94 6.36
C GLU A 490 -11.50 -16.42 6.54
N ALA A 491 -12.56 -15.62 6.49
CA ALA A 491 -12.44 -14.17 6.72
C ALA A 491 -11.90 -13.84 8.11
N ARG A 492 -12.43 -14.49 9.13
CA ARG A 492 -12.03 -14.17 10.51
C ARG A 492 -10.56 -14.49 10.71
N ASN A 493 -10.16 -15.63 10.19
CA ASN A 493 -8.79 -16.06 10.25
C ASN A 493 -7.82 -15.12 9.57
N LYS A 494 -8.20 -14.58 8.40
CA LYS A 494 -7.38 -13.54 7.77
C LYS A 494 -7.16 -12.42 8.73
N ALA A 495 -8.25 -11.98 9.37
CA ALA A 495 -8.19 -10.91 10.36
C ALA A 495 -7.32 -11.27 11.57
N ARG A 496 -7.47 -12.49 12.06
CA ARG A 496 -6.75 -12.91 13.26
C ARG A 496 -5.23 -12.87 13.04
N ALA A 497 -4.76 -13.08 11.82
CA ALA A 497 -3.32 -12.94 11.51
C ALA A 497 -2.80 -11.60 11.97
N VAL A 498 -3.59 -10.57 11.74
CA VAL A 498 -3.20 -9.24 12.18
C VAL A 498 -3.49 -9.04 13.65
N LEU A 499 -4.61 -9.57 14.11
CA LEU A 499 -4.99 -9.40 15.51
C LEU A 499 -3.99 -10.14 16.42
N ASN A 500 -3.65 -11.35 16.04
CA ASN A 500 -2.60 -12.15 16.69
C ASN A 500 -1.28 -11.43 16.79
N ALA A 501 -0.91 -10.72 15.72
CA ALA A 501 0.32 -9.96 15.67
C ALA A 501 0.32 -8.78 16.64
N ILE A 502 -0.85 -8.22 16.87
CA ILE A 502 -0.94 -7.10 17.78
C ILE A 502 -0.75 -7.63 19.21
N ALA A 503 -1.36 -8.77 19.48
CA ALA A 503 -1.31 -9.40 20.80
C ALA A 503 0.12 -9.86 21.10
N ALA A 504 0.77 -10.48 20.11
CA ALA A 504 2.19 -10.82 20.18
C ALA A 504 3.01 -9.60 20.49
N ALA A 505 2.81 -8.56 19.69
CA ALA A 505 3.64 -7.37 19.77
C ALA A 505 3.63 -6.74 21.12
N GLU A 506 2.53 -6.96 21.85
CA GLU A 506 2.38 -6.50 23.23
C GLU A 506 3.29 -7.26 24.22
N THR A 507 3.68 -8.49 23.90
CA THR A 507 4.58 -9.26 24.75
C THR A 507 6.07 -8.97 24.47
N LEU A 508 6.38 -8.11 23.51
CA LEU A 508 7.77 -7.92 23.14
C LEU A 508 8.62 -7.50 24.33
N ALA A 509 9.61 -8.31 24.66
CA ALA A 509 10.50 -8.04 25.78
C ALA A 509 11.95 -8.49 25.47
N ALA A 510 12.95 -7.82 26.05
CA ALA A 510 14.31 -8.34 26.08
C ALA A 510 14.29 -9.76 26.64
N PRO A 511 15.07 -10.67 26.03
CA PRO A 511 15.02 -12.09 26.42
C PRO A 511 15.39 -12.26 27.89
N GLY A 512 14.77 -13.23 28.58
CA GLY A 512 14.87 -13.33 30.04
C GLY A 512 14.67 -12.00 30.78
N ALA A 513 13.44 -11.47 30.75
CA ALA A 513 13.09 -10.20 31.44
C ALA A 513 11.74 -10.31 32.12
S SO4 B . 0.64 -16.06 3.56
O1 SO4 B . 0.61 -15.22 2.36
O2 SO4 B . 0.75 -17.41 2.97
O3 SO4 B . 1.76 -15.64 4.47
O4 SO4 B . -0.58 -15.99 4.41
S SO4 C . -26.58 -3.57 8.61
O1 SO4 C . -25.45 -4.19 7.88
O2 SO4 C . -27.75 -3.60 7.72
O3 SO4 C . -26.20 -2.15 8.89
O4 SO4 C . -26.85 -4.36 9.84
C1 GOL D . -5.36 26.92 -6.75
O1 GOL D . -5.47 25.76 -5.92
C2 GOL D . -3.99 26.88 -7.39
O2 GOL D . -4.02 26.38 -8.74
C3 GOL D . -3.36 28.28 -7.32
O3 GOL D . -2.02 28.17 -6.80
OAD 0GA E . -7.75 -15.16 -2.32
CAL 0GA E . -7.33 -14.70 -1.25
OAB 0GA E . -7.61 -15.20 -0.16
CAN 0GA E . -6.50 -13.53 -1.31
CAG 0GA E . -5.74 -13.24 -2.36
CAA 0GA E . -4.89 -12.00 -2.39
OAK 0GA E . -6.54 -12.65 -0.20
CAP 0GA E . -7.61 -11.86 0.04
CAI 0GA E . -8.64 -11.65 -0.88
CAH 0GA E . -9.69 -10.82 -0.53
CAJ 0GA E . -9.72 -10.24 0.74
CAO 0GA E . -7.63 -11.28 1.26
OAF 0GA E . -6.59 -11.58 2.10
CAQ 0GA E . -8.69 -10.47 1.64
CAM 0GA E . -8.70 -9.86 3.00
OAC 0GA E . -7.70 -10.02 3.71
OAE 0GA E . -9.65 -9.16 3.41
C1 GOL F . -8.22 -1.56 8.95
O1 GOL F . -8.60 -2.91 8.70
C2 GOL F . -8.54 -0.58 7.84
O2 GOL F . -8.02 -1.04 6.58
C3 GOL F . -10.06 -0.32 7.82
O3 GOL F . -10.37 1.04 7.47
N1 UNL G . 6.96 -0.56 -3.02
C2 UNL G . 7.99 -1.33 -2.50
C3 UNL G . 7.63 -1.84 -1.25
C4 UNL G . 5.41 -1.50 0.10
C5 UNL G . 4.14 -0.86 0.03
C6 UNL G . 3.73 -0.07 -1.09
C7 UNL G . 4.59 0.11 -2.18
C8 UNL G . 5.87 -0.51 -2.17
C9 UNL G . 6.29 -1.35 -1.00
#